data_2G3W
#
_entry.id   2G3W
#
_cell.length_a   39.766
_cell.length_b   91.969
_cell.length_c   48.031
_cell.angle_alpha   90.00
_cell.angle_beta   108.35
_cell.angle_gamma   90.00
#
_symmetry.space_group_name_H-M   'P 1 21 1'
#
loop_
_entity.id
_entity.type
_entity.pdbx_description
1 polymer 'hypothetical protein XAC2396'
2 non-polymer 'ACETATE ION'
3 water water
#
_entity_poly.entity_id   1
_entity_poly.type   'polypeptide(L)'
_entity_poly.pdbx_seq_one_letter_code
;(MSE)ALTATVRRAELQISD(MSE)DRGYYANHSLTLAQHPSETDERL(MSE)VRLLAFALFADDRLEFGRGLSNDDEPD
LWRRDYTGDPDLWIDLGQPDESRVRKACNRSREAVVIGYGGQATETWWKKHANA(MSE)GRYRNLRVIELDSQATEALGA
LIQRG(MSE)RFDVIIQDGEVQ(MSE)LADHGSVTLTP(MSE)VRQAPAE
;
_entity_poly.pdbx_strand_id   A,B
#
loop_
_chem_comp.id
_chem_comp.type
_chem_comp.name
_chem_comp.formula
ACT non-polymer 'ACETATE ION' 'C2 H3 O2 -1'
#
# COMPACT_ATOMS: atom_id res chain seq x y z
N THR A 4 -26.84 -27.13 9.63
CA THR A 4 -27.58 -25.99 10.24
C THR A 4 -26.79 -24.66 10.28
N ALA A 5 -27.02 -23.78 9.31
CA ALA A 5 -26.51 -22.40 9.37
C ALA A 5 -27.16 -21.59 10.50
N THR A 6 -26.47 -20.58 11.03
CA THR A 6 -27.04 -19.73 12.07
C THR A 6 -26.90 -18.28 11.65
N VAL A 7 -27.98 -17.52 11.85
CA VAL A 7 -28.06 -16.13 11.43
C VAL A 7 -27.64 -15.18 12.54
N ARG A 8 -26.78 -14.24 12.19
CA ARG A 8 -26.32 -13.23 13.12
C ARG A 8 -26.74 -11.86 12.65
N ARG A 9 -26.99 -10.98 13.61
CA ARG A 9 -27.26 -9.58 13.34
C ARG A 9 -26.00 -8.76 13.63
N ALA A 10 -25.74 -7.76 12.79
CA ALA A 10 -24.62 -6.87 13.04
C ALA A 10 -25.01 -5.46 12.71
N GLU A 11 -24.83 -4.56 13.66
CA GLU A 11 -25.03 -3.14 13.42
C GLU A 11 -23.65 -2.48 13.38
N LEU A 12 -23.36 -1.79 12.28
CA LEU A 12 -22.07 -1.12 12.13
C LEU A 12 -22.24 0.39 12.03
N GLN A 13 -21.63 1.10 12.98
CA GLN A 13 -21.49 2.54 12.88
C GLN A 13 -20.06 2.84 12.44
N ILE A 14 -19.94 3.24 11.19
CA ILE A 14 -18.65 3.35 10.49
C ILE A 14 -18.21 4.82 10.40
N SER A 15 -16.95 5.06 10.76
CA SER A 15 -16.32 6.36 10.66
C SER A 15 -15.02 6.15 9.92
N ASP A 16 -15.08 6.31 8.59
CA ASP A 16 -13.92 6.10 7.76
C ASP A 16 -13.36 7.45 7.35
N MSE A 17 -12.31 7.88 8.05
CA MSE A 17 -11.57 9.11 7.74
CA MSE A 17 -11.67 9.14 7.70
C MSE A 17 -10.94 9.06 6.35
O MSE A 17 -10.86 10.05 5.63
CB MSE A 17 -10.44 9.32 8.76
CB MSE A 17 -10.76 9.60 8.84
CG MSE A 17 -10.77 10.17 9.97
CG MSE A 17 -11.50 10.29 10.03
SE MSE A 17 -9.39 10.13 11.39
SE MSE A 17 -13.13 9.40 10.76
CE MSE A 17 -7.90 9.26 10.45
CE MSE A 17 -12.62 9.50 12.84
N ASP A 18 -10.44 7.87 6.00
CA ASP A 18 -9.72 7.69 4.73
C ASP A 18 -10.60 7.89 3.47
N ARG A 19 -11.87 7.48 3.56
CA ARG A 19 -12.80 7.49 2.42
C ARG A 19 -13.72 8.70 2.39
N GLY A 20 -13.87 9.35 3.54
CA GLY A 20 -14.98 10.28 3.74
C GLY A 20 -16.29 9.52 3.83
N TYR A 21 -16.27 8.36 4.47
CA TYR A 21 -17.45 7.51 4.60
C TYR A 21 -17.95 7.40 6.04
N TYR A 22 -19.14 7.94 6.27
CA TYR A 22 -19.84 7.85 7.56
C TYR A 22 -21.23 7.32 7.27
N ALA A 23 -21.53 6.12 7.76
CA ALA A 23 -22.87 5.55 7.59
C ALA A 23 -23.15 4.47 8.59
N ASN A 24 -24.43 4.14 8.73
CA ASN A 24 -24.91 3.06 9.60
C ASN A 24 -25.50 1.90 8.80
N HIS A 25 -25.10 0.69 9.16
CA HIS A 25 -25.51 -0.52 8.47
C HIS A 25 -26.10 -1.57 9.42
N SER A 26 -27.34 -1.95 9.15
CA SER A 26 -27.99 -3.03 9.83
C SER A 26 -27.85 -4.28 8.98
N LEU A 27 -27.03 -5.21 9.44
CA LEU A 27 -26.69 -6.39 8.66
C LEU A 27 -27.21 -7.70 9.27
N THR A 28 -27.36 -8.69 8.40
CA THR A 28 -27.71 -10.05 8.72
C THR A 28 -26.73 -10.93 7.99
N LEU A 29 -26.13 -11.89 8.72
CA LEU A 29 -25.14 -12.81 8.16
C LEU A 29 -25.51 -14.22 8.50
N ALA A 30 -25.66 -15.04 7.46
CA ALA A 30 -25.93 -16.46 7.66
C ALA A 30 -24.58 -17.14 7.79
N GLN A 31 -24.29 -17.73 8.93
CA GLN A 31 -23.01 -18.44 9.12
C GLN A 31 -23.12 -19.90 8.68
N HIS A 32 -22.45 -20.22 7.59
CA HIS A 32 -22.46 -21.59 7.02
C HIS A 32 -21.91 -22.56 8.06
N PRO A 33 -22.41 -23.81 8.11
CA PRO A 33 -21.83 -24.77 9.05
C PRO A 33 -20.31 -24.98 8.90
N SER A 34 -19.75 -24.78 7.70
CA SER A 34 -18.29 -24.90 7.51
C SER A 34 -17.49 -23.60 7.75
N GLU A 35 -18.20 -22.52 8.11
CA GLU A 35 -17.57 -21.21 8.30
C GLU A 35 -17.28 -20.98 9.77
N THR A 36 -16.01 -20.75 10.10
CA THR A 36 -15.61 -20.53 11.49
C THR A 36 -16.09 -19.17 11.96
N ASP A 37 -16.13 -18.97 13.27
CA ASP A 37 -16.37 -17.65 13.85
C ASP A 37 -15.40 -16.58 13.34
N GLU A 38 -14.11 -16.95 13.29
CA GLU A 38 -13.08 -16.09 12.72
C GLU A 38 -13.43 -15.66 11.27
N ARG A 39 -13.73 -16.61 10.38
CA ARG A 39 -14.06 -16.27 8.98
C ARG A 39 -15.29 -15.39 8.91
N LEU A 40 -16.30 -15.70 9.73
CA LEU A 40 -17.49 -14.83 9.76
C LEU A 40 -17.13 -13.38 10.11
N MSE A 41 -16.29 -13.20 11.11
CA MSE A 41 -15.92 -11.86 11.54
C MSE A 41 -15.03 -11.16 10.50
O MSE A 41 -15.08 -9.94 10.34
CB MSE A 41 -15.28 -11.86 12.97
CG MSE A 41 -16.23 -12.36 14.09
SE MSE A 41 -17.75 -11.18 14.25
CE MSE A 41 -16.81 -9.63 14.91
N VAL A 42 -14.23 -11.92 9.78
CA VAL A 42 -13.44 -11.37 8.65
C VAL A 42 -14.43 -10.89 7.57
N ARG A 43 -15.52 -11.63 7.33
CA ARG A 43 -16.52 -11.17 6.36
C ARG A 43 -17.19 -9.88 6.84
N LEU A 44 -17.53 -9.83 8.12
CA LEU A 44 -18.10 -8.62 8.70
C LEU A 44 -17.10 -7.46 8.58
N LEU A 45 -15.86 -7.69 8.96
CA LEU A 45 -14.81 -6.68 8.78
C LEU A 45 -14.70 -6.24 7.31
N ALA A 46 -14.78 -7.20 6.38
CA ALA A 46 -14.68 -6.91 4.93
C ALA A 46 -15.78 -5.98 4.48
N PHE A 47 -16.99 -6.27 4.94
CA PHE A 47 -18.09 -5.38 4.66
C PHE A 47 -17.74 -3.95 5.12
N ALA A 48 -17.21 -3.81 6.34
CA ALA A 48 -16.87 -2.51 6.88
C ALA A 48 -15.76 -1.81 6.11
N LEU A 49 -14.79 -2.58 5.62
CA LEU A 49 -13.70 -1.98 4.82
C LEU A 49 -14.18 -1.43 3.46
N PHE A 50 -15.25 -2.01 2.93
CA PHE A 50 -15.72 -1.71 1.59
C PHE A 50 -17.17 -1.21 1.53
N ALA A 51 -17.69 -0.75 2.67
CA ALA A 51 -19.11 -0.62 2.89
C ALA A 51 -19.76 0.38 1.96
N ASP A 52 -20.92 -0.02 1.46
CA ASP A 52 -21.65 0.68 0.44
C ASP A 52 -23.11 0.40 0.68
N ASP A 53 -23.98 1.29 0.21
CA ASP A 53 -25.42 1.03 0.26
C ASP A 53 -25.78 -0.25 -0.50
N ARG A 54 -24.90 -0.64 -1.44
CA ARG A 54 -25.20 -1.71 -2.41
C ARG A 54 -24.34 -2.97 -2.25
N LEU A 55 -23.36 -2.90 -1.35
CA LEU A 55 -22.58 -4.08 -1.01
C LEU A 55 -23.53 -5.12 -0.43
N GLU A 56 -23.41 -6.35 -0.92
CA GLU A 56 -24.15 -7.47 -0.35
C GLU A 56 -23.23 -8.67 -0.10
N PHE A 57 -23.57 -9.46 0.91
CA PHE A 57 -22.95 -10.78 1.09
C PHE A 57 -23.42 -11.73 -0.01
N GLY A 58 -22.49 -12.47 -0.61
CA GLY A 58 -22.84 -13.52 -1.56
C GLY A 58 -22.92 -14.82 -0.78
N ARG A 59 -23.34 -15.91 -1.41
CA ARG A 59 -23.18 -17.21 -0.74
C ARG A 59 -21.98 -17.93 -1.32
N GLY A 60 -20.82 -17.30 -1.17
CA GLY A 60 -19.58 -17.85 -1.70
C GLY A 60 -19.14 -19.14 -1.05
N LEU A 61 -19.95 -19.71 -0.16
CA LEU A 61 -19.57 -20.98 0.49
C LEU A 61 -20.37 -22.20 0.00
N SER A 62 -21.45 -21.94 -0.72
CA SER A 62 -21.93 -22.88 -1.72
C SER A 62 -21.18 -22.43 -2.98
N ASN A 63 -19.90 -22.81 -2.99
CA ASN A 63 -18.79 -22.06 -3.60
C ASN A 63 -18.73 -21.81 -5.11
N ASP A 64 -19.67 -22.35 -5.88
CA ASP A 64 -19.53 -22.24 -7.34
C ASP A 64 -19.42 -20.79 -7.82
N ASP A 65 -20.55 -20.09 -7.89
CA ASP A 65 -20.68 -18.88 -8.72
C ASP A 65 -20.47 -17.53 -8.04
N GLU A 66 -20.52 -17.47 -6.70
CA GLU A 66 -20.57 -16.17 -6.01
C GLU A 66 -19.33 -15.85 -5.15
N PRO A 67 -19.01 -14.56 -5.00
CA PRO A 67 -17.93 -14.20 -4.09
C PRO A 67 -18.45 -14.19 -2.65
N ASP A 68 -17.58 -13.92 -1.68
CA ASP A 68 -18.08 -13.69 -0.32
C ASP A 68 -18.82 -12.38 -0.17
N LEU A 69 -18.35 -11.35 -0.88
CA LEU A 69 -19.14 -10.11 -0.94
C LEU A 69 -19.10 -9.55 -2.33
N TRP A 70 -20.13 -8.78 -2.69
CA TRP A 70 -20.13 -8.07 -3.97
C TRP A 70 -21.09 -6.88 -4.06
N ARG A 71 -20.68 -5.92 -4.87
CA ARG A 71 -21.54 -4.83 -5.29
C ARG A 71 -21.75 -5.02 -6.79
N ARG A 72 -23.00 -5.05 -7.21
CA ARG A 72 -23.31 -5.23 -8.62
C ARG A 72 -24.00 -3.99 -9.18
N ASP A 73 -23.71 -3.62 -10.43
CA ASP A 73 -24.30 -2.41 -10.97
C ASP A 73 -25.81 -2.62 -11.20
N TYR A 74 -26.47 -1.56 -11.67
CA TYR A 74 -27.93 -1.54 -11.88
C TYR A 74 -28.40 -2.42 -13.04
N THR A 75 -27.47 -3.08 -13.71
CA THR A 75 -27.81 -4.07 -14.74
C THR A 75 -27.31 -5.46 -14.34
N GLY A 76 -26.72 -5.57 -13.15
CA GLY A 76 -26.36 -6.87 -12.57
C GLY A 76 -24.88 -7.25 -12.58
N ASP A 77 -24.09 -6.65 -13.45
CA ASP A 77 -22.68 -7.03 -13.55
C ASP A 77 -21.85 -6.59 -12.36
N PRO A 78 -20.98 -7.47 -11.83
CA PRO A 78 -20.19 -7.12 -10.66
C PRO A 78 -19.27 -5.91 -10.84
N ASP A 79 -19.43 -4.93 -9.95
CA ASP A 79 -18.50 -3.80 -9.82
C ASP A 79 -17.34 -4.13 -8.89
N LEU A 80 -17.65 -4.91 -7.86
CA LEU A 80 -16.68 -5.26 -6.85
C LEU A 80 -16.97 -6.67 -6.41
N TRP A 81 -15.92 -7.49 -6.38
CA TRP A 81 -16.01 -8.92 -6.10
C TRP A 81 -14.97 -9.20 -5.06
N ILE A 82 -15.41 -9.63 -3.87
CA ILE A 82 -14.49 -9.87 -2.74
C ILE A 82 -14.45 -11.34 -2.32
N ASP A 83 -13.28 -11.98 -2.35
CA ASP A 83 -13.10 -13.37 -1.92
C ASP A 83 -12.16 -13.42 -0.71
N LEU A 84 -12.54 -14.20 0.30
CA LEU A 84 -11.75 -14.25 1.52
C LEU A 84 -10.84 -15.43 1.40
N GLY A 85 -9.70 -15.34 2.07
CA GLY A 85 -8.79 -16.49 2.12
C GLY A 85 -7.71 -16.46 1.05
N GLN A 86 -7.43 -17.66 0.54
CA GLN A 86 -6.35 -17.88 -0.36
C GLN A 86 -6.91 -18.53 -1.61
N PRO A 87 -7.71 -17.79 -2.41
CA PRO A 87 -8.23 -18.45 -3.63
C PRO A 87 -7.17 -18.99 -4.58
N ASP A 88 -7.46 -20.10 -5.22
CA ASP A 88 -6.53 -20.63 -6.18
C ASP A 88 -6.45 -19.74 -7.42
N GLU A 89 -5.46 -20.00 -8.25
CA GLU A 89 -5.20 -19.22 -9.45
C GLU A 89 -6.40 -19.02 -10.37
N SER A 90 -7.22 -20.07 -10.50
CA SER A 90 -8.35 -20.04 -11.43
C SER A 90 -9.46 -19.16 -10.86
N ARG A 91 -9.60 -19.19 -9.54
CA ARG A 91 -10.57 -18.35 -8.84
C ARG A 91 -10.09 -16.89 -8.93
N VAL A 92 -8.79 -16.68 -8.81
CA VAL A 92 -8.28 -15.30 -8.94
C VAL A 92 -8.50 -14.79 -10.36
N ARG A 93 -8.14 -15.62 -11.35
CA ARG A 93 -8.30 -15.24 -12.75
CA ARG A 93 -8.31 -15.24 -12.75
C ARG A 93 -9.75 -14.87 -13.07
N LYS A 94 -10.67 -15.74 -12.65
CA LYS A 94 -12.11 -15.56 -12.83
C LYS A 94 -12.59 -14.24 -12.25
N ALA A 95 -12.20 -13.95 -11.00
CA ALA A 95 -12.71 -12.74 -10.37
C ALA A 95 -12.26 -11.47 -11.13
N CYS A 96 -10.99 -11.43 -11.58
CA CYS A 96 -10.51 -10.26 -12.31
C CYS A 96 -11.17 -10.10 -13.67
N ASN A 97 -11.49 -11.23 -14.27
CA ASN A 97 -12.12 -11.23 -15.55
C ASN A 97 -13.61 -10.91 -15.44
N ARG A 98 -14.22 -11.22 -14.30
CA ARG A 98 -15.68 -11.08 -14.14
C ARG A 98 -16.17 -9.76 -13.55
N SER A 99 -15.27 -9.01 -12.90
CA SER A 99 -15.67 -7.85 -12.12
C SER A 99 -14.74 -6.68 -12.40
N ARG A 100 -15.25 -5.47 -12.23
CA ARG A 100 -14.50 -4.24 -12.46
C ARG A 100 -13.28 -4.18 -11.53
N GLU A 101 -13.50 -4.52 -10.26
CA GLU A 101 -12.45 -4.65 -9.28
C GLU A 101 -12.63 -5.98 -8.56
N ALA A 102 -11.53 -6.72 -8.37
CA ALA A 102 -11.53 -7.96 -7.61
C ALA A 102 -10.69 -7.71 -6.40
N VAL A 103 -11.10 -8.29 -5.26
CA VAL A 103 -10.35 -8.18 -4.01
C VAL A 103 -10.15 -9.58 -3.40
N VAL A 104 -8.94 -9.88 -3.00
CA VAL A 104 -8.65 -11.04 -2.19
C VAL A 104 -8.24 -10.51 -0.81
N ILE A 105 -8.87 -11.05 0.25
CA ILE A 105 -8.55 -10.67 1.64
C ILE A 105 -8.01 -11.90 2.34
N GLY A 106 -6.70 -12.01 2.48
CA GLY A 106 -6.11 -13.14 3.21
C GLY A 106 -5.86 -12.84 4.69
N TYR A 107 -5.80 -13.91 5.50
CA TYR A 107 -5.74 -13.76 6.94
C TYR A 107 -5.13 -14.99 7.62
N GLY A 108 -4.27 -15.72 6.88
CA GLY A 108 -3.89 -17.07 7.32
C GLY A 108 -2.48 -17.16 7.86
N GLY A 109 -1.83 -16.01 8.08
CA GLY A 109 -0.56 -15.99 8.82
C GLY A 109 0.55 -16.40 7.87
N GLN A 110 1.44 -17.29 8.29
CA GLN A 110 2.53 -17.71 7.41
C GLN A 110 2.09 -18.22 6.03
N ALA A 111 0.98 -18.94 6.00
CA ALA A 111 0.42 -19.47 4.75
C ALA A 111 0.13 -18.35 3.75
N THR A 112 -0.41 -17.25 4.23
CA THR A 112 -0.74 -16.12 3.40
C THR A 112 0.51 -15.38 2.88
N GLU A 113 1.53 -15.22 3.74
CA GLU A 113 2.83 -14.68 3.27
C GLU A 113 3.51 -15.60 2.25
N THR A 114 3.51 -16.90 2.51
CA THR A 114 4.07 -17.85 1.55
C THR A 114 3.31 -17.83 0.21
N TRP A 115 1.99 -17.85 0.28
CA TRP A 115 1.11 -17.68 -0.89
C TRP A 115 1.48 -16.40 -1.69
N TRP A 116 1.60 -15.28 -0.99
CA TRP A 116 2.02 -14.07 -1.70
C TRP A 116 3.36 -14.19 -2.40
N LYS A 117 4.40 -14.59 -1.68
CA LYS A 117 5.72 -14.65 -2.26
C LYS A 117 5.77 -15.65 -3.43
N LYS A 118 5.02 -16.75 -3.32
CA LYS A 118 4.86 -17.72 -4.42
C LYS A 118 4.24 -17.12 -5.70
N HIS A 119 3.16 -16.36 -5.52
CA HIS A 119 2.35 -15.85 -6.62
C HIS A 119 2.47 -14.35 -6.94
N ALA A 120 3.32 -13.62 -6.20
CA ALA A 120 3.50 -12.16 -6.42
C ALA A 120 3.92 -11.84 -7.84
N ASN A 121 4.93 -12.54 -8.36
CA ASN A 121 5.38 -12.28 -9.71
C ASN A 121 4.17 -12.45 -10.65
N ALA A 122 3.38 -13.49 -10.40
CA ALA A 122 2.28 -13.88 -11.29
C ALA A 122 1.20 -12.82 -11.26
N MSE A 123 0.75 -12.45 -10.06
CA MSE A 123 -0.40 -11.57 -9.88
C MSE A 123 -0.25 -10.12 -10.39
O MSE A 123 -1.24 -9.40 -10.58
CB MSE A 123 -0.92 -11.63 -8.44
CG MSE A 123 -1.78 -12.89 -8.19
SE MSE A 123 -2.34 -12.92 -6.41
CE MSE A 123 -0.59 -13.12 -5.43
N GLY A 124 0.98 -9.74 -10.70
CA GLY A 124 1.27 -8.50 -11.44
C GLY A 124 0.66 -8.47 -12.84
N ARG A 125 0.26 -9.64 -13.37
CA ARG A 125 -0.43 -9.76 -14.70
C ARG A 125 -1.84 -9.15 -14.64
N TYR A 126 -2.34 -8.88 -13.44
CA TYR A 126 -3.71 -8.30 -13.31
C TYR A 126 -3.65 -6.81 -12.97
N ARG A 127 -4.52 -6.00 -13.57
CA ARG A 127 -4.51 -4.55 -13.27
C ARG A 127 -5.72 -4.05 -12.39
N ASN A 128 -6.68 -4.94 -12.13
CA ASN A 128 -7.90 -4.56 -11.43
C ASN A 128 -8.05 -5.37 -10.15
N LEU A 129 -6.94 -5.88 -9.68
CA LEU A 129 -6.90 -6.72 -8.51
C LEU A 129 -6.39 -5.96 -7.30
N ARG A 130 -7.06 -6.11 -6.16
CA ARG A 130 -6.59 -5.61 -4.87
C ARG A 130 -6.32 -6.81 -3.96
N VAL A 131 -5.13 -6.91 -3.39
CA VAL A 131 -4.83 -8.00 -2.48
C VAL A 131 -4.47 -7.36 -1.16
N ILE A 132 -5.19 -7.78 -0.11
CA ILE A 132 -4.85 -7.32 1.23
C ILE A 132 -4.62 -8.50 2.18
N GLU A 133 -3.79 -8.25 3.19
CA GLU A 133 -3.51 -9.27 4.20
C GLU A 133 -3.79 -8.68 5.58
N LEU A 134 -4.53 -9.47 6.37
CA LEU A 134 -4.80 -9.14 7.77
C LEU A 134 -3.99 -10.05 8.68
N ASP A 135 -3.48 -9.49 9.77
CA ASP A 135 -2.73 -10.25 10.78
C ASP A 135 -3.62 -11.35 11.33
N SER A 136 -3.14 -12.59 11.30
CA SER A 136 -3.96 -13.73 11.72
C SER A 136 -4.28 -13.73 13.22
N GLN A 137 -3.40 -13.17 14.03
CA GLN A 137 -3.66 -13.14 15.47
C GLN A 137 -4.80 -12.17 15.77
N ALA A 138 -4.85 -11.09 15.00
CA ALA A 138 -5.93 -10.09 15.15
C ALA A 138 -7.30 -10.60 14.70
N THR A 139 -7.35 -11.29 13.56
CA THR A 139 -8.58 -11.90 13.07
C THR A 139 -9.08 -12.96 14.07
N GLU A 140 -8.15 -13.70 14.66
CA GLU A 140 -8.53 -14.73 15.62
C GLU A 140 -9.12 -14.11 16.91
N ALA A 141 -8.54 -12.99 17.33
CA ALA A 141 -9.09 -12.17 18.42
C ALA A 141 -10.46 -11.61 18.02
N LEU A 142 -10.61 -11.23 16.75
CA LEU A 142 -11.89 -10.67 16.30
C LEU A 142 -12.99 -11.72 16.29
N GLY A 143 -12.64 -12.94 15.89
CA GLY A 143 -13.58 -14.05 15.94
C GLY A 143 -14.09 -14.32 17.34
N ALA A 144 -13.31 -13.97 18.36
CA ALA A 144 -13.74 -14.22 19.74
C ALA A 144 -14.79 -13.21 20.19
N LEU A 145 -14.97 -12.14 19.43
CA LEU A 145 -15.96 -11.11 19.79
C LEU A 145 -17.32 -11.38 19.14
N ILE A 146 -17.43 -12.50 18.45
CA ILE A 146 -18.68 -12.89 17.79
C ILE A 146 -19.85 -13.04 18.80
N GLN A 147 -21.02 -12.56 18.42
CA GLN A 147 -22.25 -12.72 19.20
C GLN A 147 -23.41 -12.91 18.23
N ARG A 148 -24.58 -13.31 18.72
CA ARG A 148 -25.74 -13.44 17.82
C ARG A 148 -26.25 -12.07 17.40
N GLY A 149 -26.21 -11.10 18.31
CA GLY A 149 -26.61 -9.71 18.01
C GLY A 149 -25.48 -8.75 18.30
N MSE A 150 -24.83 -8.23 17.26
CA MSE A 150 -23.60 -7.44 17.45
C MSE A 150 -23.79 -5.96 17.16
O MSE A 150 -24.59 -5.59 16.30
CB MSE A 150 -22.46 -7.98 16.58
CG MSE A 150 -22.32 -9.48 16.68
SE MSE A 150 -20.78 -10.11 15.71
CE MSE A 150 -19.65 -9.77 17.11
N ARG A 151 -23.03 -5.13 17.87
CA ARG A 151 -22.96 -3.69 17.57
C ARG A 151 -21.50 -3.25 17.57
N PHE A 152 -21.02 -2.73 16.46
CA PHE A 152 -19.64 -2.25 16.33
C PHE A 152 -19.53 -0.81 15.85
N ASP A 153 -18.65 -0.05 16.51
CA ASP A 153 -18.04 1.12 15.91
C ASP A 153 -16.84 0.62 15.16
N VAL A 154 -16.78 0.99 13.89
CA VAL A 154 -15.64 0.72 13.04
C VAL A 154 -15.02 2.07 12.72
N ILE A 155 -13.84 2.29 13.29
CA ILE A 155 -13.14 3.54 13.12
C ILE A 155 -11.96 3.28 12.15
N ILE A 156 -11.99 3.93 10.98
CA ILE A 156 -10.91 3.77 9.99
C ILE A 156 -10.21 5.11 9.78
N GLN A 157 -8.88 5.10 9.92
CA GLN A 157 -8.05 6.30 9.89
CA GLN A 157 -8.06 6.31 9.83
C GLN A 157 -6.60 5.95 9.58
N ASP A 158 -6.02 6.58 8.56
CA ASP A 158 -4.62 6.33 8.16
C ASP A 158 -4.31 4.85 7.88
N GLY A 159 -5.25 4.14 7.28
CA GLY A 159 -5.10 2.72 6.92
C GLY A 159 -5.25 1.74 8.08
N GLU A 160 -5.56 2.27 9.26
CA GLU A 160 -5.74 1.48 10.45
C GLU A 160 -7.25 1.32 10.74
N VAL A 161 -7.64 0.11 11.15
CA VAL A 161 -9.04 -0.15 11.43
C VAL A 161 -9.21 -0.64 12.86
N GLN A 162 -10.17 -0.03 13.57
CA GLN A 162 -10.60 -0.47 14.89
C GLN A 162 -12.06 -0.94 14.84
N MSE A 163 -12.29 -2.12 15.41
CA MSE A 163 -13.61 -2.68 15.54
C MSE A 163 -13.94 -2.67 17.02
O MSE A 163 -13.39 -3.48 17.80
CB MSE A 163 -13.62 -4.09 15.01
CG MSE A 163 -13.47 -4.16 13.48
SE MSE A 163 -15.20 -4.15 12.64
CE MSE A 163 -15.59 -5.98 13.01
N LEU A 164 -14.80 -1.73 17.42
CA LEU A 164 -15.07 -1.51 18.82
C LEU A 164 -16.52 -1.85 19.24
N ALA A 165 -16.64 -2.75 20.20
CA ALA A 165 -17.92 -3.13 20.76
C ALA A 165 -17.85 -2.94 22.28
N ASP A 166 -19.00 -2.95 22.96
CA ASP A 166 -19.02 -2.84 24.42
C ASP A 166 -18.23 -3.95 25.11
N HIS A 167 -18.09 -5.10 24.45
CA HIS A 167 -17.50 -6.29 25.07
C HIS A 167 -16.06 -6.61 24.67
N GLY A 168 -15.40 -5.72 23.95
CA GLY A 168 -14.03 -5.97 23.46
C GLY A 168 -13.68 -5.13 22.25
N SER A 169 -12.39 -5.09 21.91
CA SER A 169 -11.91 -4.34 20.76
C SER A 169 -10.75 -5.07 20.11
N VAL A 170 -10.62 -4.86 18.80
CA VAL A 170 -9.48 -5.32 18.01
C VAL A 170 -9.13 -4.20 17.04
N THR A 171 -7.84 -3.87 16.98
CA THR A 171 -7.29 -2.89 16.03
C THR A 171 -6.22 -3.57 15.19
N LEU A 172 -6.32 -3.35 13.90
CA LEU A 172 -5.34 -3.89 12.94
C LEU A 172 -5.14 -2.95 11.74
N THR A 173 -4.00 -3.12 11.07
CA THR A 173 -3.65 -2.34 9.90
C THR A 173 -3.53 -3.30 8.74
N PRO A 174 -4.54 -3.30 7.85
CA PRO A 174 -4.49 -4.20 6.69
C PRO A 174 -3.27 -3.90 5.83
N MSE A 175 -2.63 -4.95 5.34
CA MSE A 175 -1.47 -4.77 4.50
C MSE A 175 -1.89 -4.87 3.02
O MSE A 175 -2.45 -5.85 2.59
CB MSE A 175 -0.33 -5.75 4.88
CG MSE A 175 0.74 -5.92 3.81
SE MSE A 175 1.80 -4.31 3.56
CE MSE A 175 2.73 -4.91 1.86
N VAL A 176 -1.63 -3.82 2.25
CA VAL A 176 -2.00 -3.83 0.84
C VAL A 176 -0.85 -4.45 0.00
N ARG A 177 -1.00 -5.69 -0.44
CA ARG A 177 -0.05 -6.35 -1.32
C ARG A 177 -0.14 -5.86 -2.76
N GLN A 178 -1.33 -5.46 -3.20
CA GLN A 178 -1.50 -5.00 -4.57
C GLN A 178 -2.74 -4.14 -4.60
N ALA A 179 -2.75 -3.05 -5.37
CA ALA A 179 -3.98 -2.27 -5.54
C ALA A 179 -4.10 -1.88 -7.01
N PRO A 180 -5.34 -1.75 -7.55
CA PRO A 180 -5.50 -1.25 -8.93
C PRO A 180 -4.84 0.11 -9.17
N ALA A 181 -4.31 0.33 -10.37
CA ALA A 181 -3.82 1.64 -10.77
C ALA A 181 -4.97 2.64 -10.68
N GLU A 182 -4.69 3.78 -10.05
CA GLU A 182 -5.61 4.90 -10.08
C GLU A 182 -5.42 5.73 -11.35
N THR B 4 2.15 18.39 -21.45
CA THR B 4 3.52 18.96 -21.26
C THR B 4 4.39 18.07 -20.36
N ALA B 5 3.85 17.57 -19.26
CA ALA B 5 4.51 16.50 -18.51
C ALA B 5 4.58 15.25 -19.40
N THR B 6 5.66 14.46 -19.25
CA THR B 6 5.77 13.16 -19.95
C THR B 6 5.24 12.11 -18.99
N VAL B 7 4.19 11.41 -19.39
CA VAL B 7 3.56 10.41 -18.53
C VAL B 7 4.40 9.14 -18.53
N ARG B 8 4.85 8.76 -17.34
CA ARG B 8 5.59 7.51 -17.16
C ARG B 8 4.82 6.56 -16.25
N ARG B 9 4.33 5.46 -16.81
CA ARG B 9 3.80 4.35 -15.99
C ARG B 9 4.95 3.38 -15.57
N ALA B 10 4.87 2.85 -14.35
CA ALA B 10 5.85 1.86 -13.86
C ALA B 10 5.14 0.82 -12.98
N GLU B 11 5.43 -0.44 -13.20
CA GLU B 11 5.01 -1.48 -12.28
C GLU B 11 6.22 -1.94 -11.50
N LEU B 12 6.14 -1.96 -10.18
CA LEU B 12 7.23 -2.46 -9.37
C LEU B 12 6.80 -3.72 -8.63
N GLN B 13 7.61 -4.77 -8.70
CA GLN B 13 7.37 -5.94 -7.87
C GLN B 13 8.47 -5.99 -6.80
N ILE B 14 8.11 -5.60 -5.60
CA ILE B 14 9.10 -5.37 -4.56
C ILE B 14 9.25 -6.55 -3.58
N SER B 15 10.47 -7.06 -3.45
CA SER B 15 10.79 -8.00 -2.38
C SER B 15 11.89 -7.38 -1.55
N ASP B 16 11.51 -6.83 -0.41
CA ASP B 16 12.49 -6.14 0.44
C ASP B 16 12.68 -6.95 1.70
N MSE B 17 13.76 -7.75 1.73
CA MSE B 17 14.11 -8.53 2.92
C MSE B 17 14.69 -7.73 4.11
O MSE B 17 14.84 -8.26 5.19
CB MSE B 17 15.03 -9.70 2.59
CG MSE B 17 14.34 -10.93 2.03
SE MSE B 17 13.66 -10.61 0.20
CE MSE B 17 12.94 -12.45 -0.23
N ASP B 18 15.02 -6.45 3.91
CA ASP B 18 15.45 -5.64 5.04
C ASP B 18 14.26 -5.02 5.80
N ARG B 19 13.25 -4.52 5.07
CA ARG B 19 12.02 -4.04 5.69
C ARG B 19 11.05 -5.20 5.98
N GLY B 20 11.27 -6.37 5.40
CA GLY B 20 10.22 -7.39 5.33
C GLY B 20 8.96 -6.90 4.60
N TYR B 21 9.16 -6.11 3.55
CA TYR B 21 8.10 -5.52 2.74
C TYR B 21 8.01 -6.22 1.38
N TYR B 22 6.82 -6.74 1.08
CA TYR B 22 6.57 -7.49 -0.20
C TYR B 22 5.26 -6.96 -0.74
N ALA B 23 5.27 -6.38 -1.93
CA ALA B 23 4.07 -5.78 -2.56
C ALA B 23 4.34 -5.51 -4.00
N ASN B 24 3.26 -5.42 -4.80
CA ASN B 24 3.35 -4.95 -6.19
C ASN B 24 2.68 -3.56 -6.23
N HIS B 25 3.22 -2.65 -7.01
CA HIS B 25 2.71 -1.24 -7.15
C HIS B 25 2.59 -0.92 -8.64
N SER B 26 1.48 -0.31 -9.06
CA SER B 26 1.29 0.26 -10.40
C SER B 26 1.17 1.79 -10.27
N LEU B 27 2.15 2.49 -10.82
CA LEU B 27 2.37 3.94 -10.58
C LEU B 27 2.32 4.73 -11.88
N THR B 28 1.88 5.99 -11.82
CA THR B 28 2.02 6.91 -12.95
C THR B 28 2.85 8.07 -12.45
N LEU B 29 3.98 8.31 -13.10
CA LEU B 29 4.81 9.47 -12.78
C LEU B 29 4.66 10.49 -13.90
N ALA B 30 4.71 11.77 -13.54
CA ALA B 30 4.69 12.82 -14.53
C ALA B 30 6.12 13.35 -14.58
N GLN B 31 6.81 13.11 -15.68
CA GLN B 31 8.17 13.63 -15.80
C GLN B 31 8.09 15.10 -16.20
N HIS B 32 8.33 15.98 -15.22
CA HIS B 32 8.32 17.45 -15.43
C HIS B 32 9.29 17.79 -16.58
N PRO B 33 8.90 18.72 -17.47
CA PRO B 33 9.78 19.01 -18.60
C PRO B 33 11.22 19.32 -18.20
N SER B 34 11.43 19.70 -16.95
CA SER B 34 12.74 20.08 -16.44
C SER B 34 13.42 18.95 -15.68
N GLU B 35 12.73 17.81 -15.57
CA GLU B 35 13.24 16.66 -14.82
C GLU B 35 13.99 15.77 -15.81
N THR B 36 15.27 15.55 -15.54
CA THR B 36 16.09 14.63 -16.34
C THR B 36 15.57 13.20 -16.15
N ASP B 37 15.92 12.31 -17.09
CA ASP B 37 15.59 10.89 -17.03
C ASP B 37 16.21 10.25 -15.80
N GLU B 38 17.45 10.65 -15.49
CA GLU B 38 18.13 10.21 -14.26
C GLU B 38 17.32 10.50 -13.02
N ARG B 39 16.83 11.72 -12.90
CA ARG B 39 16.15 11.99 -11.64
C ARG B 39 14.71 11.47 -11.58
N LEU B 40 14.06 11.31 -12.72
CA LEU B 40 12.86 10.49 -12.79
C LEU B 40 13.09 9.09 -12.21
N MSE B 41 14.15 8.42 -12.64
CA MSE B 41 14.43 7.06 -12.19
C MSE B 41 14.90 7.04 -10.74
O MSE B 41 14.66 6.07 -10.02
CB MSE B 41 15.46 6.42 -13.13
CG MSE B 41 14.95 6.27 -14.56
SE MSE B 41 13.38 5.18 -14.58
CE MSE B 41 14.12 3.55 -13.88
N VAL B 42 15.59 8.10 -10.31
CA VAL B 42 15.94 8.20 -8.89
C VAL B 42 14.67 8.32 -8.08
N ARG B 43 13.71 9.08 -8.60
CA ARG B 43 12.42 9.26 -7.90
C ARG B 43 11.61 7.95 -7.85
N LEU B 44 11.69 7.17 -8.93
CA LEU B 44 11.05 5.87 -8.95
C LEU B 44 11.73 4.91 -7.93
N LEU B 45 13.05 4.96 -7.90
CA LEU B 45 13.82 4.21 -6.91
C LEU B 45 13.50 4.63 -5.49
N ALA B 46 13.33 5.92 -5.26
CA ALA B 46 13.00 6.41 -3.92
C ALA B 46 11.66 5.80 -3.45
N PHE B 47 10.68 5.75 -4.36
CA PHE B 47 9.43 5.09 -4.02
C PHE B 47 9.66 3.65 -3.62
N ALA B 48 10.46 2.94 -4.41
CA ALA B 48 10.75 1.51 -4.11
C ALA B 48 11.44 1.32 -2.75
N LEU B 49 12.37 2.22 -2.42
CA LEU B 49 13.08 2.18 -1.14
C LEU B 49 12.20 2.43 0.08
N PHE B 50 11.14 3.24 -0.08
CA PHE B 50 10.24 3.55 1.00
C PHE B 50 8.77 3.15 0.71
N ALA B 51 8.55 2.19 -0.17
CA ALA B 51 7.19 1.86 -0.65
C ALA B 51 6.21 1.58 0.45
N ASP B 52 4.99 2.12 0.24
CA ASP B 52 3.85 1.99 1.11
C ASP B 52 2.63 2.29 0.23
N ASP B 53 1.47 1.76 0.58
CA ASP B 53 0.25 2.08 -0.16
C ASP B 53 -0.11 3.58 -0.09
N ARG B 54 0.33 4.26 0.96
CA ARG B 54 -0.02 5.68 1.18
C ARG B 54 1.09 6.67 0.82
N LEU B 55 2.17 6.16 0.22
CA LEU B 55 3.23 7.02 -0.35
C LEU B 55 2.81 7.59 -1.68
N GLU B 56 2.95 8.91 -1.83
CA GLU B 56 2.49 9.63 -3.03
C GLU B 56 3.61 10.47 -3.60
N PHE B 57 3.56 10.71 -4.91
CA PHE B 57 4.47 11.70 -5.48
C PHE B 57 3.91 13.11 -5.31
N GLY B 58 4.77 14.02 -4.84
CA GLY B 58 4.46 15.46 -4.87
C GLY B 58 4.37 16.06 -6.27
N ARG B 59 3.84 17.29 -6.37
CA ARG B 59 3.87 18.00 -7.64
C ARG B 59 5.35 18.23 -7.97
N GLY B 60 5.67 18.51 -9.23
CA GLY B 60 7.09 18.53 -9.68
C GLY B 60 7.93 19.74 -9.34
N LEU B 61 8.93 20.07 -10.17
CA LEU B 61 9.76 21.27 -9.99
C LEU B 61 8.87 22.50 -10.04
N SER B 62 7.78 22.38 -10.78
CA SER B 62 6.78 23.45 -10.87
C SER B 62 6.33 23.93 -9.49
N ASN B 63 6.25 23.02 -8.52
CA ASN B 63 6.04 23.44 -7.13
C ASN B 63 7.21 23.17 -6.17
N ASP B 64 8.02 24.21 -5.99
CA ASP B 64 9.03 24.40 -4.92
C ASP B 64 8.71 23.61 -3.64
N ASP B 65 7.51 23.87 -3.10
CA ASP B 65 7.21 23.66 -1.70
C ASP B 65 6.76 22.27 -1.27
N GLU B 66 6.48 21.40 -2.23
CA GLU B 66 6.19 20.01 -1.87
C GLU B 66 7.45 19.19 -1.93
N PRO B 67 7.53 18.11 -1.12
CA PRO B 67 8.66 17.19 -1.28
C PRO B 67 8.47 16.37 -2.53
N ASP B 68 9.48 15.62 -2.92
CA ASP B 68 9.37 14.76 -4.10
C ASP B 68 8.43 13.59 -3.90
N LEU B 69 8.38 13.10 -2.66
CA LEU B 69 7.47 12.07 -2.26
C LEU B 69 7.03 12.34 -0.86
N TRP B 70 5.80 11.95 -0.55
CA TRP B 70 5.36 12.01 0.82
C TRP B 70 4.22 11.09 1.15
N ARG B 71 4.19 10.72 2.42
CA ARG B 71 3.01 10.11 2.99
C ARG B 71 2.44 11.10 4.01
N ARG B 72 1.14 11.40 3.88
CA ARG B 72 0.44 12.30 4.81
C ARG B 72 -0.70 11.60 5.57
N ASP B 73 -0.94 12.04 6.81
CA ASP B 73 -2.06 11.59 7.63
CA ASP B 73 -2.06 11.54 7.59
C ASP B 73 -3.35 12.32 7.26
N TYR B 74 -4.49 11.81 7.75
CA TYR B 74 -5.77 12.47 7.54
C TYR B 74 -5.70 13.93 7.91
N THR B 75 -4.93 14.24 8.94
CA THR B 75 -4.73 15.62 9.37
C THR B 75 -4.15 16.47 8.24
N GLY B 76 -3.22 15.89 7.48
CA GLY B 76 -2.44 16.65 6.51
C GLY B 76 -0.98 16.77 6.91
N ASP B 77 -0.66 16.33 8.13
CA ASP B 77 0.73 16.27 8.58
C ASP B 77 1.47 15.19 7.78
N PRO B 78 2.58 15.55 7.12
CA PRO B 78 3.48 14.55 6.56
C PRO B 78 3.97 13.53 7.61
N ASP B 79 3.64 12.26 7.39
CA ASP B 79 4.26 11.16 8.10
C ASP B 79 5.67 10.89 7.55
N LEU B 80 5.83 10.97 6.23
CA LEU B 80 7.15 10.78 5.56
C LEU B 80 7.35 11.87 4.54
N TRP B 81 8.53 12.49 4.56
CA TRP B 81 8.87 13.62 3.67
C TRP B 81 10.18 13.32 2.94
N ILE B 82 10.14 13.19 1.60
CA ILE B 82 11.32 12.79 0.85
C ILE B 82 11.74 13.81 -0.22
N ASP B 83 12.97 14.31 -0.07
CA ASP B 83 13.56 15.26 -1.00
C ASP B 83 14.73 14.65 -1.71
N LEU B 84 14.77 14.89 -3.01
CA LEU B 84 15.80 14.36 -3.84
C LEU B 84 16.82 15.47 -4.12
N GLY B 85 18.11 15.13 -4.05
CA GLY B 85 19.19 16.08 -4.38
C GLY B 85 19.83 16.75 -3.16
N GLN B 86 20.08 18.05 -3.28
CA GLN B 86 20.79 18.84 -2.27
C GLN B 86 19.97 20.00 -1.67
N PRO B 87 18.88 19.69 -0.92
CA PRO B 87 18.06 20.76 -0.35
C PRO B 87 18.82 21.65 0.63
N ASP B 88 18.40 22.91 0.71
CA ASP B 88 18.92 23.89 1.66
C ASP B 88 18.75 23.38 3.10
N GLU B 89 19.72 23.64 3.98
CA GLU B 89 19.55 23.26 5.38
C GLU B 89 18.25 23.82 5.98
N SER B 90 17.88 25.05 5.60
CA SER B 90 16.66 25.66 6.13
C SER B 90 15.42 24.88 5.69
N ARG B 91 15.38 24.42 4.44
CA ARG B 91 14.28 23.54 3.99
C ARG B 91 14.27 22.22 4.74
N VAL B 92 15.44 21.66 4.97
CA VAL B 92 15.52 20.40 5.76
C VAL B 92 15.08 20.63 7.19
N ARG B 93 15.58 21.67 7.84
CA ARG B 93 15.06 22.01 9.17
C ARG B 93 13.52 22.09 9.23
N LYS B 94 12.89 22.84 8.31
CA LYS B 94 11.42 22.96 8.27
C LYS B 94 10.67 21.65 7.99
N ALA B 95 11.21 20.86 7.06
CA ALA B 95 10.67 19.52 6.74
C ALA B 95 10.65 18.58 7.95
N CYS B 96 11.78 18.57 8.65
CA CYS B 96 11.93 17.77 9.87
C CYS B 96 10.94 18.22 10.98
N ASN B 97 10.70 19.52 11.08
CA ASN B 97 9.83 20.03 12.12
C ASN B 97 8.34 19.62 11.88
N ARG B 98 7.96 19.46 10.63
CA ARG B 98 6.54 19.29 10.33
C ARG B 98 6.16 17.86 10.03
N SER B 99 7.16 16.99 9.88
CA SER B 99 6.98 15.62 9.43
C SER B 99 7.46 14.65 10.49
N ARG B 100 6.85 13.46 10.56
CA ARG B 100 7.37 12.44 11.48
C ARG B 100 8.83 12.05 11.19
N GLU B 101 9.15 11.80 9.91
CA GLU B 101 10.56 11.55 9.48
C GLU B 101 10.77 12.28 8.16
N ALA B 102 11.95 12.86 7.94
CA ALA B 102 12.30 13.42 6.64
C ALA B 102 13.48 12.67 6.07
N VAL B 103 13.51 12.58 4.74
CA VAL B 103 14.57 11.85 4.03
C VAL B 103 15.20 12.72 2.95
N VAL B 104 16.53 12.69 2.88
CA VAL B 104 17.26 13.37 1.82
C VAL B 104 17.97 12.32 1.03
N ILE B 105 17.64 12.26 -0.26
CA ILE B 105 18.33 11.33 -1.14
C ILE B 105 19.21 12.05 -2.14
N GLY B 106 20.52 11.90 -1.96
CA GLY B 106 21.51 12.59 -2.75
C GLY B 106 21.94 11.75 -3.93
N TYR B 107 22.01 12.43 -5.07
CA TYR B 107 22.41 11.85 -6.33
C TYR B 107 22.93 13.09 -7.03
N GLY B 108 23.80 12.90 -8.03
CA GLY B 108 24.49 14.03 -8.72
C GLY B 108 26.00 13.85 -8.83
N GLY B 109 26.58 13.17 -7.84
CA GLY B 109 27.99 12.81 -7.87
C GLY B 109 28.77 13.63 -6.88
N GLN B 110 29.61 14.52 -7.39
CA GLN B 110 30.44 15.44 -6.59
C GLN B 110 29.60 16.47 -5.82
N ALA B 111 28.39 16.72 -6.32
CA ALA B 111 27.40 17.61 -5.71
C ALA B 111 27.05 17.21 -4.27
N THR B 112 26.90 15.91 -4.06
CA THR B 112 26.39 15.36 -2.83
C THR B 112 27.43 15.37 -1.70
N GLU B 113 28.62 14.87 -2.00
CA GLU B 113 29.70 14.84 -1.03
C GLU B 113 30.02 16.22 -0.44
N THR B 114 30.05 17.25 -1.28
CA THR B 114 30.41 18.59 -0.83
C THR B 114 29.28 19.18 0.02
N TRP B 115 28.05 18.92 -0.41
CA TRP B 115 26.85 19.26 0.36
C TRP B 115 26.93 18.63 1.74
N TRP B 116 27.40 17.37 1.81
CA TRP B 116 27.58 16.67 3.10
C TRP B 116 28.81 17.15 3.89
N LYS B 117 29.89 17.51 3.20
CA LYS B 117 31.06 18.12 3.85
C LYS B 117 30.72 19.45 4.56
N LYS B 118 29.81 20.21 3.95
CA LYS B 118 29.32 21.48 4.48
C LYS B 118 28.26 21.32 5.61
N HIS B 119 27.30 20.41 5.41
CA HIS B 119 26.09 20.37 6.25
C HIS B 119 26.00 19.29 7.34
N ALA B 120 26.92 18.32 7.36
CA ALA B 120 26.82 17.25 8.37
C ALA B 120 26.38 17.72 9.79
N ASN B 121 27.09 18.72 10.35
CA ASN B 121 26.83 19.21 11.72
C ASN B 121 25.41 19.71 11.95
N ALA B 122 24.96 20.66 11.14
CA ALA B 122 23.66 21.27 11.34
C ALA B 122 22.52 20.25 11.21
N MSE B 123 22.72 19.25 10.35
CA MSE B 123 21.71 18.24 10.05
C MSE B 123 21.62 17.14 11.11
O MSE B 123 20.53 16.58 11.35
CB MSE B 123 21.97 17.66 8.66
CG MSE B 123 22.13 18.75 7.65
SE MSE B 123 21.30 18.29 6.05
CE MSE B 123 21.04 20.10 5.38
N GLY B 124 22.76 16.87 11.75
CA GLY B 124 22.79 16.01 12.92
C GLY B 124 21.93 16.41 14.10
N ARG B 125 21.43 17.64 14.14
CA ARG B 125 20.57 18.03 15.27
C ARG B 125 19.06 17.81 14.97
N TYR B 126 18.77 17.30 13.76
CA TYR B 126 17.43 16.84 13.40
C TYR B 126 17.39 15.31 13.51
N ARG B 127 17.00 14.82 14.69
CA ARG B 127 17.17 13.39 14.99
C ARG B 127 16.18 12.49 14.24
N ASN B 128 15.19 13.12 13.60
CA ASN B 128 14.21 12.43 12.76
C ASN B 128 14.56 12.48 11.26
N LEU B 129 15.80 12.84 10.93
CA LEU B 129 16.28 12.91 9.54
C LEU B 129 17.05 11.67 9.10
N ARG B 130 16.79 11.22 7.87
CA ARG B 130 17.57 10.18 7.19
C ARG B 130 18.22 10.80 5.95
N VAL B 131 19.50 10.51 5.77
CA VAL B 131 20.25 11.09 4.65
C VAL B 131 20.97 9.95 3.95
N ILE B 132 20.71 9.78 2.67
CA ILE B 132 21.36 8.70 1.92
C ILE B 132 22.00 9.26 0.65
N GLU B 133 23.07 8.59 0.20
CA GLU B 133 23.72 8.95 -1.04
C GLU B 133 23.70 7.78 -2.02
N LEU B 134 23.34 8.07 -3.26
CA LEU B 134 23.34 7.09 -4.32
C LEU B 134 24.49 7.41 -5.23
N ASP B 135 25.32 6.39 -5.47
CA ASP B 135 26.38 6.38 -6.49
C ASP B 135 25.92 6.87 -7.86
N SER B 136 26.70 7.78 -8.43
CA SER B 136 26.31 8.54 -9.61
C SER B 136 26.43 7.73 -10.89
N GLN B 137 27.37 6.79 -10.91
CA GLN B 137 27.46 5.80 -11.97
C GLN B 137 26.19 4.93 -12.02
N ALA B 138 25.68 4.51 -10.85
CA ALA B 138 24.48 3.67 -10.79
C ALA B 138 23.21 4.43 -11.19
N THR B 139 23.05 5.66 -10.68
CA THR B 139 21.87 6.48 -11.03
C THR B 139 21.88 6.88 -12.51
N GLU B 140 23.06 7.11 -13.08
CA GLU B 140 23.14 7.33 -14.52
C GLU B 140 22.72 6.08 -15.30
N ALA B 141 23.19 4.91 -14.88
CA ALA B 141 22.79 3.64 -15.50
C ALA B 141 21.30 3.41 -15.33
N LEU B 142 20.79 3.76 -14.16
CA LEU B 142 19.37 3.66 -13.93
C LEU B 142 18.56 4.53 -14.87
N GLY B 143 19.00 5.76 -15.09
CA GLY B 143 18.30 6.69 -15.98
C GLY B 143 18.23 6.21 -17.42
N ALA B 144 19.26 5.52 -17.87
CA ALA B 144 19.30 5.03 -19.24
C ALA B 144 18.31 3.91 -19.46
N LEU B 145 17.77 3.38 -18.37
CA LEU B 145 16.74 2.35 -18.45
C LEU B 145 15.32 2.90 -18.49
N ILE B 146 15.16 4.22 -18.65
CA ILE B 146 13.84 4.85 -18.68
C ILE B 146 13.02 4.48 -19.91
N GLN B 147 11.71 4.35 -19.75
CA GLN B 147 10.76 4.05 -20.85
C GLN B 147 9.39 4.59 -20.44
N ARG B 148 8.44 4.64 -21.38
CA ARG B 148 7.09 5.15 -21.13
C ARG B 148 6.22 4.12 -20.39
N GLY B 149 6.57 2.85 -20.54
CA GLY B 149 5.89 1.78 -19.82
C GLY B 149 6.92 0.83 -19.27
N MSE B 150 7.23 0.98 -17.98
CA MSE B 150 8.32 0.25 -17.34
C MSE B 150 7.82 -0.86 -16.41
O MSE B 150 6.80 -0.72 -15.73
CB MSE B 150 9.21 1.24 -16.56
CG MSE B 150 9.75 2.43 -17.42
SE MSE B 150 10.91 3.51 -16.33
CE MSE B 150 12.38 2.52 -16.51
N ARG B 151 8.51 -1.99 -16.36
CA ARG B 151 8.22 -3.02 -15.34
C ARG B 151 9.49 -3.48 -14.65
N PHE B 152 9.59 -3.26 -13.34
CA PHE B 152 10.79 -3.65 -12.59
C PHE B 152 10.50 -4.66 -11.50
N ASP B 153 11.36 -5.67 -11.36
CA ASP B 153 11.44 -6.38 -10.07
C ASP B 153 12.46 -5.65 -9.21
N VAL B 154 12.12 -5.41 -7.96
CA VAL B 154 13.03 -4.73 -7.05
C VAL B 154 13.31 -5.71 -5.91
N ILE B 155 14.55 -6.13 -5.82
CA ILE B 155 15.02 -6.95 -4.73
C ILE B 155 15.97 -6.19 -3.79
N ILE B 156 15.61 -6.10 -2.52
CA ILE B 156 16.40 -5.39 -1.53
C ILE B 156 16.83 -6.36 -0.41
N GLN B 157 18.15 -6.53 -0.22
CA GLN B 157 18.66 -7.32 0.88
C GLN B 157 20.03 -6.82 1.33
N ASP B 158 20.22 -6.77 2.64
CA ASP B 158 21.46 -6.27 3.23
C ASP B 158 21.91 -4.93 2.65
N GLY B 159 20.98 -4.00 2.52
CA GLY B 159 21.28 -2.67 2.02
C GLY B 159 21.61 -2.56 0.53
N GLU B 160 21.57 -3.68 -0.19
CA GLU B 160 21.84 -3.68 -1.61
C GLU B 160 20.53 -3.78 -2.38
N VAL B 161 20.36 -2.91 -3.37
CA VAL B 161 19.14 -2.92 -4.19
C VAL B 161 19.43 -3.26 -5.65
N GLN B 162 18.66 -4.22 -6.16
CA GLN B 162 18.75 -4.65 -7.55
C GLN B 162 17.44 -4.30 -8.22
N MSE B 163 17.52 -3.48 -9.27
CA MSE B 163 16.37 -3.09 -10.09
C MSE B 163 16.51 -3.86 -11.40
O MSE B 163 17.46 -3.60 -12.18
CB MSE B 163 16.43 -1.62 -10.48
CG MSE B 163 16.43 -0.60 -9.37
SE MSE B 163 14.60 -0.16 -9.08
CE MSE B 163 14.15 1.06 -10.46
N LEU B 164 15.60 -4.79 -11.65
CA LEU B 164 15.72 -5.68 -12.81
C LEU B 164 14.60 -5.54 -13.79
N ALA B 165 14.98 -5.27 -15.04
CA ALA B 165 14.02 -5.18 -16.14
C ALA B 165 14.43 -6.10 -17.27
N ASP B 166 13.51 -6.35 -18.20
CA ASP B 166 13.86 -7.08 -19.43
C ASP B 166 15.02 -6.47 -20.20
N HIS B 167 15.10 -5.15 -20.19
CA HIS B 167 16.07 -4.47 -21.07
C HIS B 167 17.35 -4.07 -20.34
N GLY B 168 17.51 -4.54 -19.10
CA GLY B 168 18.64 -4.10 -18.27
C GLY B 168 18.44 -4.28 -16.78
N SER B 169 19.53 -4.13 -16.02
CA SER B 169 19.48 -4.23 -14.56
C SER B 169 20.49 -3.26 -13.98
N VAL B 170 20.25 -2.80 -12.76
CA VAL B 170 21.21 -1.97 -12.06
C VAL B 170 21.26 -2.46 -10.63
N THR B 171 22.47 -2.50 -10.07
CA THR B 171 22.62 -2.81 -8.65
C THR B 171 23.27 -1.62 -7.97
N LEU B 172 22.80 -1.30 -6.77
CA LEU B 172 23.49 -0.32 -5.96
C LEU B 172 23.28 -0.56 -4.48
N THR B 173 24.16 0.02 -3.68
CA THR B 173 24.07 0.03 -2.23
C THR B 173 23.99 1.48 -1.78
N PRO B 174 22.78 1.94 -1.38
CA PRO B 174 22.69 3.30 -0.86
C PRO B 174 23.55 3.51 0.42
N MSE B 175 24.19 4.66 0.52
CA MSE B 175 25.07 4.97 1.63
C MSE B 175 24.27 5.78 2.64
O MSE B 175 23.84 6.90 2.34
CB MSE B 175 26.25 5.79 1.17
CG MSE B 175 27.48 4.97 0.92
SE MSE B 175 28.61 5.88 -0.35
CE MSE B 175 27.46 5.53 -2.00
N VAL B 176 24.06 5.19 3.81
CA VAL B 176 23.26 5.81 4.85
C VAL B 176 24.16 6.76 5.64
N ARG B 177 24.04 8.06 5.36
CA ARG B 177 24.86 9.08 6.04
C ARG B 177 24.36 9.43 7.45
N GLN B 178 23.05 9.35 7.64
CA GLN B 178 22.42 9.65 8.93
C GLN B 178 21.10 8.92 8.91
N ALA B 179 20.68 8.41 10.06
CA ALA B 179 19.36 7.76 10.22
C ALA B 179 18.78 7.94 11.62
N PRO B 180 17.43 7.96 11.75
CA PRO B 180 16.78 8.02 13.07
C PRO B 180 17.12 6.82 13.97
C ACT C . -30.18 -14.68 16.34
O ACT C . -29.79 -15.83 15.99
OXT ACT C . -30.87 -14.61 17.38
CH3 ACT C . -29.82 -13.44 15.56
C ACT D . -22.45 -5.91 24.59
O ACT D . -23.51 -5.25 24.75
OXT ACT D . -21.98 -5.92 23.42
CH3 ACT D . -21.77 -6.66 25.71
#